data_7NMX
#
_entry.id   7NMX
#
_cell.length_a   82.469
_cell.length_b   111.993
_cell.length_c   62.699
_cell.angle_alpha   90.000
_cell.angle_beta   90.000
_cell.angle_gamma   90.000
#
_symmetry.space_group_name_H-M   'C 2 2 21'
#
loop_
_entity.id
_entity.type
_entity.pdbx_description
1 polymer '14-3-3 protein sigma'
2 polymer 'Amot-p130 phosphopeptide (pS175)'
3 non-polymer ~{N}-(2-azanylethyl)-2-carbamimidoyl-7-methoxy-1-benzothiophene-4-carboxamide
4 non-polymer 'CALCIUM ION'
5 non-polymer 'CHLORIDE ION'
6 non-polymer 'MAGNESIUM ION'
7 water water
#
loop_
_entity_poly.entity_id
_entity_poly.type
_entity_poly.pdbx_seq_one_letter_code
_entity_poly.pdbx_strand_id
1 'polypeptide(L)'
;GAMGSMERASLIQKAKLAEQAERYEDMAAFMKGAVEKGEELS(CSO)EERNLLSVAYKNVVGGQRAAWRVLSSIEQKSNE
EGSEEKGPEVREYREKVETELQGVCDTVLGLLDSHLIKEAGDAESRVFYLKMKGDYYRYLAEVATGDDKKRIIDSARSAY
QEAMDISKKEMPPTNPIRLGLALNFSVFHYEIANSPEEAISLAKTTFDEAMADLHTLSEDSYKDSTLIMQLLRDNLTLWT
ADNAGEEGGEAPQEPQS
;
A
2 'polypeptide(L)' GHVRSL(SEP)ERLMQM P
#
# COMPACT_ATOMS: atom_id res chain seq x y z
N GLY A 1 21.66 10.34 3.84
CA GLY A 1 20.65 9.81 4.81
C GLY A 1 21.00 10.05 6.26
N ALA A 2 19.96 10.22 7.08
CA ALA A 2 20.17 10.49 8.50
C ALA A 2 20.69 9.26 9.24
N MET A 3 20.40 8.07 8.74
CA MET A 3 20.78 6.82 9.39
C MET A 3 22.09 6.26 8.85
N GLY A 4 22.89 7.07 8.16
CA GLY A 4 24.14 6.60 7.60
C GLY A 4 25.13 6.11 8.65
N SER A 5 24.92 6.48 9.91
CA SER A 5 25.86 6.13 10.97
C SER A 5 25.61 4.74 11.56
N MET A 6 24.41 4.18 11.38
CA MET A 6 24.02 2.95 12.06
C MET A 6 24.17 1.75 11.13
N GLU A 7 24.57 0.61 11.71
CA GLU A 7 24.65 -0.64 10.96
C GLU A 7 23.28 -0.99 10.36
N ARG A 8 23.31 -1.61 9.18
CA ARG A 8 22.07 -2.09 8.57
C ARG A 8 21.29 -2.97 9.55
N ALA A 9 21.96 -3.94 10.17
CA ALA A 9 21.28 -4.87 11.05
C ALA A 9 20.70 -4.16 12.27
N SER A 10 21.40 -3.13 12.77
CA SER A 10 20.88 -2.39 13.92
C SER A 10 19.65 -1.58 13.54
N LEU A 11 19.59 -1.09 12.30
CA LEU A 11 18.40 -0.39 11.84
C LEU A 11 17.20 -1.32 11.78
N ILE A 12 17.40 -2.55 11.31
CA ILE A 12 16.31 -3.53 11.25
CA ILE A 12 16.29 -3.50 11.25
C ILE A 12 15.89 -3.93 12.65
N GLN A 13 16.85 -4.18 13.52
CA GLN A 13 16.52 -4.55 14.90
C GLN A 13 15.70 -3.45 15.57
N LYS A 14 16.11 -2.19 15.39
CA LYS A 14 15.39 -1.09 16.02
C LYS A 14 14.04 -0.86 15.36
N ALA A 15 13.90 -1.19 14.08
CA ALA A 15 12.60 -1.11 13.44
C ALA A 15 11.61 -2.05 14.11
N LYS A 16 12.04 -3.27 14.45
CA LYS A 16 11.15 -4.20 15.12
C LYS A 16 10.80 -3.74 16.52
N LEU A 17 11.76 -3.12 17.22
CA LEU A 17 11.47 -2.55 18.53
C LEU A 17 10.45 -1.42 18.43
N ALA A 18 10.64 -0.52 17.46
CA ALA A 18 9.70 0.57 17.27
C ALA A 18 8.30 0.05 16.98
N GLU A 19 8.19 -1.06 16.24
CA GLU A 19 6.89 -1.65 15.99
C GLU A 19 6.26 -2.12 17.29
N GLN A 20 7.03 -2.85 18.11
CA GLN A 20 6.53 -3.28 19.41
C GLN A 20 6.10 -2.09 20.26
N ALA A 21 6.89 -1.02 20.24
CA ALA A 21 6.57 0.20 20.97
C ALA A 21 5.50 1.04 20.27
N GLU A 22 5.05 0.61 19.09
CA GLU A 22 4.06 1.37 18.32
C GLU A 22 4.57 2.78 18.03
N ARG A 23 5.85 2.88 17.69
CA ARG A 23 6.49 4.14 17.30
C ARG A 23 6.78 4.05 15.80
N TYR A 24 5.74 4.26 15.00
CA TYR A 24 5.82 3.96 13.57
C TYR A 24 6.60 5.01 12.78
N GLU A 25 6.70 6.25 13.29
CA GLU A 25 7.58 7.22 12.64
C GLU A 25 9.04 6.81 12.78
N ASP A 26 9.46 6.48 13.99
CA ASP A 26 10.79 5.90 14.20
C ASP A 26 11.00 4.68 13.30
N MET A 27 10.01 3.77 13.29
CA MET A 27 10.12 2.58 12.48
C MET A 27 10.36 2.93 11.01
N ALA A 28 9.62 3.92 10.49
CA ALA A 28 9.80 4.31 9.10
C ALA A 28 11.19 4.87 8.85
N ALA A 29 11.67 5.74 9.74
CA ALA A 29 13.01 6.31 9.57
C ALA A 29 14.07 5.23 9.63
N PHE A 30 13.90 4.23 10.49
CA PHE A 30 14.84 3.13 10.57
C PHE A 30 14.86 2.32 9.27
N MET A 31 13.68 2.00 8.75
CA MET A 31 13.62 1.20 7.52
C MET A 31 14.04 2.02 6.31
N LYS A 32 13.76 3.32 6.30
CA LYS A 32 14.32 4.18 5.26
C LYS A 32 15.84 4.13 5.28
N GLY A 33 16.44 4.20 6.47
CA GLY A 33 17.88 4.07 6.58
C GLY A 33 18.38 2.72 6.09
N ALA A 34 17.66 1.65 6.44
CA ALA A 34 18.07 0.31 5.98
C ALA A 34 18.04 0.23 4.45
N VAL A 35 16.98 0.75 3.84
CA VAL A 35 16.90 0.77 2.39
C VAL A 35 18.10 1.50 1.80
N GLU A 36 18.41 2.68 2.33
CA GLU A 36 19.45 3.53 1.77
C GLU A 36 20.83 2.92 1.90
N LYS A 37 20.99 1.82 2.63
CA LYS A 37 22.25 1.09 2.62
C LYS A 37 22.57 0.54 1.24
N GLY A 38 21.57 0.36 0.38
CA GLY A 38 21.79 -0.04 -0.99
C GLY A 38 21.60 -1.52 -1.25
N GLU A 39 21.48 -2.34 -0.21
CA GLU A 39 21.22 -3.76 -0.40
C GLU A 39 19.72 -4.00 -0.57
N GLU A 40 19.40 -5.07 -1.30
CA GLU A 40 18.01 -5.47 -1.46
C GLU A 40 17.45 -5.93 -0.12
N LEU A 41 16.12 -5.99 -0.03
CA LEU A 41 15.45 -6.34 1.20
C LEU A 41 14.94 -7.77 1.16
N SER A 42 15.06 -8.47 2.29
CA SER A 42 14.44 -9.78 2.46
C SER A 42 12.94 -9.63 2.53
N GLU A 44 10.91 -10.45 4.89
CA GLU A 44 10.59 -9.88 6.20
C GLU A 44 10.85 -8.38 6.21
N GLU A 45 12.00 -7.99 5.64
CA GLU A 45 12.39 -6.58 5.68
C GLU A 45 11.46 -5.73 4.83
N ARG A 46 10.98 -6.28 3.71
CA ARG A 46 10.01 -5.55 2.89
C ARG A 46 8.73 -5.29 3.66
N ASN A 47 8.25 -6.27 4.43
CA ASN A 47 7.02 -6.08 5.16
C ASN A 47 7.19 -5.07 6.30
N LEU A 48 8.38 -5.04 6.91
CA LEU A 48 8.65 -4.00 7.91
C LEU A 48 8.57 -2.62 7.29
N LEU A 49 9.15 -2.45 6.10
CA LEU A 49 9.04 -1.18 5.40
C LEU A 49 7.57 -0.81 5.18
N SER A 50 6.79 -1.76 4.67
CA SER A 50 5.39 -1.50 4.38
C SER A 50 4.61 -1.18 5.66
N VAL A 51 4.76 -2.00 6.69
CA VAL A 51 4.06 -1.78 7.94
C VAL A 51 4.36 -0.39 8.49
N ALA A 52 5.64 0.02 8.45
CA ALA A 52 6.02 1.30 9.04
C ALA A 52 5.33 2.46 8.34
N TYR A 53 5.50 2.56 7.02
CA TYR A 53 4.94 3.70 6.29
C TYR A 53 3.42 3.61 6.18
N LYS A 54 2.85 2.40 6.17
CA LYS A 54 1.39 2.30 6.09
C LYS A 54 0.74 2.86 7.35
N ASN A 55 1.37 2.68 8.51
CA ASN A 55 0.84 3.26 9.73
C ASN A 55 1.00 4.78 9.73
N VAL A 56 2.17 5.28 9.32
CA VAL A 56 2.37 6.72 9.26
C VAL A 56 1.37 7.36 8.32
N VAL A 57 1.31 6.88 7.07
CA VAL A 57 0.38 7.46 6.11
C VAL A 57 -1.06 7.22 6.54
N GLY A 58 -1.32 6.13 7.26
CA GLY A 58 -2.67 5.86 7.71
C GLY A 58 -3.19 6.90 8.67
N GLY A 59 -2.37 7.30 9.64
CA GLY A 59 -2.75 8.38 10.52
C GLY A 59 -2.95 9.70 9.79
N GLN A 60 -2.14 9.94 8.76
CA GLN A 60 -2.29 11.17 7.97
C GLN A 60 -3.60 11.15 7.19
N ARG A 61 -3.92 10.02 6.54
CA ARG A 61 -5.17 9.94 5.80
C ARG A 61 -6.37 10.12 6.71
N ALA A 62 -6.35 9.50 7.89
CA ALA A 62 -7.46 9.64 8.83
C ALA A 62 -7.64 11.09 9.26
N ALA A 63 -6.54 11.79 9.52
CA ALA A 63 -6.63 13.19 9.93
C ALA A 63 -7.10 14.07 8.77
N TRP A 64 -6.50 13.89 7.59
CA TRP A 64 -6.95 14.63 6.41
C TRP A 64 -8.45 14.43 6.19
N ARG A 65 -8.94 13.22 6.46
CA ARG A 65 -10.36 12.94 6.30
C ARG A 65 -11.22 13.79 7.23
N VAL A 66 -10.84 13.84 8.51
CA VAL A 66 -11.59 14.63 9.48
C VAL A 66 -11.61 16.10 9.05
N LEU A 67 -10.43 16.65 8.77
CA LEU A 67 -10.33 18.07 8.48
C LEU A 67 -11.05 18.42 7.17
N SER A 68 -10.90 17.59 6.14
CA SER A 68 -11.57 17.86 4.88
C SER A 68 -13.08 17.88 5.05
N SER A 69 -13.61 16.99 5.89
CA SER A 69 -15.04 16.98 6.17
C SER A 69 -15.46 18.24 6.92
N ILE A 70 -14.66 18.67 7.89
CA ILE A 70 -14.94 19.93 8.57
C ILE A 70 -14.89 21.09 7.58
N GLU A 71 -13.90 21.07 6.69
CA GLU A 71 -13.77 22.14 5.70
C GLU A 71 -14.99 22.21 4.80
N GLN A 72 -15.50 21.06 4.37
CA GLN A 72 -16.58 21.06 3.40
C GLN A 72 -17.90 21.46 4.04
N LYS A 73 -18.07 21.21 5.34
CA LYS A 73 -19.26 21.66 6.03
C LYS A 73 -19.26 23.19 6.17
N SER A 74 -18.08 23.78 6.38
CA SER A 74 -17.95 25.23 6.45
C SER A 74 -18.06 25.90 5.09
N ASN A 75 -18.33 25.13 4.02
CA ASN A 75 -18.51 25.68 2.69
C ASN A 75 -19.87 25.31 2.09
N GLU A 76 -20.85 25.03 2.93
CA GLU A 76 -22.19 24.66 2.47
C GLU A 76 -23.24 25.61 3.06
N GLY A 83 -13.29 31.34 8.70
CA GLY A 83 -11.90 31.77 8.64
C GLY A 83 -11.00 30.81 7.89
N PRO A 84 -9.75 31.22 7.66
CA PRO A 84 -8.82 30.40 6.87
C PRO A 84 -8.21 29.23 7.63
N GLU A 85 -8.51 29.08 8.92
CA GLU A 85 -7.77 28.14 9.76
C GLU A 85 -7.98 26.68 9.31
N VAL A 86 -9.22 26.29 9.03
CA VAL A 86 -9.50 24.91 8.66
C VAL A 86 -8.75 24.55 7.38
N ARG A 87 -8.85 25.41 6.37
CA ARG A 87 -8.14 25.17 5.12
C ARG A 87 -6.64 25.11 5.33
N GLU A 88 -6.11 26.05 6.13
CA GLU A 88 -4.66 26.12 6.35
C GLU A 88 -4.15 24.83 6.99
N TYR A 89 -4.83 24.34 8.02
CA TYR A 89 -4.35 23.16 8.72
C TYR A 89 -4.58 21.89 7.90
N ARG A 90 -5.72 21.81 7.21
CA ARG A 90 -5.92 20.71 6.27
C ARG A 90 -4.82 20.69 5.21
N GLU A 91 -4.42 21.88 4.73
CA GLU A 91 -3.32 21.95 3.76
C GLU A 91 -2.01 21.50 4.38
N LYS A 92 -1.78 21.82 5.66
CA LYS A 92 -0.54 21.39 6.31
C LYS A 92 -0.48 19.88 6.40
N VAL A 93 -1.55 19.24 6.90
CA VAL A 93 -1.58 17.78 6.95
C VAL A 93 -1.47 17.19 5.56
N GLU A 94 -2.16 17.79 4.59
CA GLU A 94 -2.09 17.31 3.22
C GLU A 94 -0.66 17.37 2.68
N THR A 95 -0.01 18.52 2.83
CA THR A 95 1.38 18.65 2.40
C THR A 95 2.27 17.63 3.10
N GLU A 96 1.98 17.35 4.37
CA GLU A 96 2.76 16.37 5.12
C GLU A 96 2.52 14.97 4.59
N LEU A 97 1.27 14.66 4.24
CA LEU A 97 0.95 13.35 3.66
C LEU A 97 1.66 13.18 2.32
N GLN A 98 1.60 14.19 1.45
CA GLN A 98 2.27 14.08 0.16
C GLN A 98 3.77 13.89 0.32
N GLY A 99 4.36 14.50 1.35
CA GLY A 99 5.78 14.31 1.59
C GLY A 99 6.15 12.88 1.90
N VAL A 100 5.33 12.21 2.72
CA VAL A 100 5.58 10.81 3.05
C VAL A 100 5.43 9.93 1.80
N CYS A 101 4.40 10.17 1.01
CA CYS A 101 4.21 9.39 -0.21
C CYS A 101 5.39 9.57 -1.16
N ASP A 102 5.85 10.82 -1.33
CA ASP A 102 6.98 11.07 -2.22
C ASP A 102 8.24 10.37 -1.71
N THR A 103 8.43 10.32 -0.40
CA THR A 103 9.59 9.63 0.15
C THR A 103 9.55 8.14 -0.18
N VAL A 104 8.39 7.51 -0.01
CA VAL A 104 8.26 6.09 -0.32
C VAL A 104 8.50 5.85 -1.81
N LEU A 105 7.79 6.60 -2.65
CA LEU A 105 8.00 6.48 -4.09
C LEU A 105 9.45 6.74 -4.45
N GLY A 106 10.10 7.65 -3.74
CA GLY A 106 11.52 7.87 -3.95
C GLY A 106 12.36 6.64 -3.65
N LEU A 107 12.06 5.96 -2.55
CA LEU A 107 12.80 4.74 -2.21
C LEU A 107 12.56 3.66 -3.24
N LEU A 108 11.31 3.51 -3.70
CA LEU A 108 10.99 2.51 -4.72
C LEU A 108 11.73 2.82 -6.01
N ASP A 109 11.82 4.09 -6.37
CA ASP A 109 12.47 4.49 -7.61
C ASP A 109 13.98 4.53 -7.48
N SER A 110 14.52 4.52 -6.24
CA SER A 110 15.97 4.64 -6.01
C SER A 110 16.34 3.76 -4.80
N HIS A 111 16.52 2.46 -5.02
CA HIS A 111 16.49 1.79 -6.32
C HIS A 111 15.88 0.40 -6.16
N LEU A 112 14.84 0.30 -5.32
CA LEU A 112 14.32 -1.00 -4.94
C LEU A 112 13.71 -1.73 -6.13
N ILE A 113 12.95 -1.03 -6.97
CA ILE A 113 12.22 -1.69 -8.05
C ILE A 113 13.19 -2.23 -9.09
N LYS A 114 14.12 -1.41 -9.56
CA LYS A 114 14.99 -1.83 -10.65
C LYS A 114 15.88 -3.01 -10.25
N GLU A 115 16.13 -3.20 -8.95
CA GLU A 115 16.91 -4.34 -8.50
C GLU A 115 16.06 -5.54 -8.10
N ALA A 116 14.73 -5.42 -8.12
CA ALA A 116 13.85 -6.52 -7.74
C ALA A 116 13.63 -7.43 -8.94
N GLY A 117 14.22 -8.62 -8.91
CA GLY A 117 14.09 -9.56 -10.00
C GLY A 117 13.10 -10.67 -9.76
N ASP A 118 12.96 -11.11 -8.51
CA ASP A 118 12.00 -12.16 -8.19
C ASP A 118 10.58 -11.61 -8.19
N ALA A 119 9.64 -12.44 -8.61
CA ALA A 119 8.24 -12.03 -8.63
C ALA A 119 7.79 -11.55 -7.25
N GLU A 120 8.18 -12.27 -6.21
CA GLU A 120 7.75 -11.93 -4.85
C GLU A 120 8.15 -10.51 -4.48
N SER A 121 9.37 -10.11 -4.82
CA SER A 121 9.83 -8.77 -4.47
C SER A 121 9.31 -7.73 -5.44
N ARG A 122 9.34 -8.04 -6.74
CA ARG A 122 8.96 -7.04 -7.74
C ARG A 122 7.48 -6.72 -7.67
N VAL A 123 6.63 -7.74 -7.54
CA VAL A 123 5.19 -7.50 -7.38
C VAL A 123 4.93 -6.68 -6.12
N PHE A 124 5.66 -6.99 -5.05
CA PHE A 124 5.48 -6.27 -3.79
CA PHE A 124 5.48 -6.26 -3.79
C PHE A 124 5.77 -4.78 -3.97
N TYR A 125 6.90 -4.44 -4.60
CA TYR A 125 7.28 -3.04 -4.73
C TYR A 125 6.36 -2.30 -5.69
N LEU A 126 5.91 -2.98 -6.76
CA LEU A 126 5.02 -2.33 -7.71
C LEU A 126 3.63 -2.13 -7.13
N LYS A 127 3.13 -3.11 -6.36
CA LYS A 127 1.91 -2.89 -5.60
C LYS A 127 2.06 -1.69 -4.67
N MET A 128 3.17 -1.64 -3.95
CA MET A 128 3.42 -0.51 -3.05
C MET A 128 3.42 0.81 -3.80
N LYS A 129 4.05 0.84 -4.98
CA LYS A 129 4.04 2.04 -5.79
C LYS A 129 2.62 2.45 -6.18
N GLY A 130 1.78 1.48 -6.54
CA GLY A 130 0.40 1.79 -6.82
C GLY A 130 -0.34 2.32 -5.60
N ASP A 131 -0.08 1.72 -4.44
CA ASP A 131 -0.74 2.17 -3.21
C ASP A 131 -0.45 3.63 -2.92
N TYR A 132 0.80 4.06 -3.08
CA TYR A 132 1.16 5.40 -2.64
C TYR A 132 0.84 6.47 -3.67
N TYR A 133 0.76 6.10 -4.95
CA TYR A 133 0.12 6.99 -5.91
C TYR A 133 -1.39 7.08 -5.66
N ARG A 134 -2.00 5.99 -5.18
CA ARG A 134 -3.42 6.05 -4.82
C ARG A 134 -3.65 6.99 -3.65
N TYR A 135 -2.75 6.98 -2.66
CA TYR A 135 -2.89 7.90 -1.54
C TYR A 135 -2.77 9.34 -2.01
N LEU A 136 -1.79 9.63 -2.88
CA LEU A 136 -1.70 10.96 -3.46
C LEU A 136 -2.99 11.30 -4.23
N ALA A 137 -3.57 10.32 -4.92
CA ALA A 137 -4.76 10.57 -5.70
C ALA A 137 -5.94 10.96 -4.82
N GLU A 138 -6.12 10.27 -3.68
CA GLU A 138 -7.20 10.60 -2.76
C GLU A 138 -7.24 12.08 -2.45
N VAL A 139 -6.09 12.75 -2.53
CA VAL A 139 -5.92 14.12 -2.07
C VAL A 139 -5.76 15.10 -3.23
N ALA A 140 -5.57 14.63 -4.46
CA ALA A 140 -5.26 15.50 -5.58
C ALA A 140 -6.54 16.00 -6.26
N THR A 141 -6.37 17.01 -7.10
CA THR A 141 -7.48 17.59 -7.85
C THR A 141 -7.12 17.67 -9.33
N ASP A 144 -3.48 17.26 -12.54
CA ASP A 144 -2.54 16.60 -11.66
C ASP A 144 -3.12 15.28 -11.18
N LYS A 145 -4.40 15.29 -10.82
CA LYS A 145 -5.04 14.09 -10.32
C LYS A 145 -5.13 13.02 -11.40
N LYS A 146 -5.38 13.43 -12.66
CA LYS A 146 -5.46 12.45 -13.73
C LYS A 146 -4.12 11.74 -13.93
N ARG A 147 -3.02 12.49 -13.88
CA ARG A 147 -1.70 11.88 -14.07
C ARG A 147 -1.34 10.97 -12.91
N ILE A 148 -1.69 11.37 -11.68
CA ILE A 148 -1.41 10.51 -10.52
C ILE A 148 -2.20 9.23 -10.61
N ILE A 149 -3.46 9.31 -11.04
CA ILE A 149 -4.29 8.12 -11.18
C ILE A 149 -3.68 7.18 -12.21
N ASP A 150 -3.22 7.72 -13.34
CA ASP A 150 -2.63 6.87 -14.36
CA ASP A 150 -2.61 6.89 -14.38
C ASP A 150 -1.35 6.22 -13.86
N SER A 151 -0.56 6.94 -13.05
CA SER A 151 0.65 6.35 -12.48
C SER A 151 0.29 5.21 -11.52
N ALA A 152 -0.73 5.41 -10.69
CA ALA A 152 -1.22 4.32 -9.85
C ALA A 152 -1.66 3.14 -10.70
N ARG A 153 -2.53 3.39 -11.68
CA ARG A 153 -3.03 2.32 -12.54
C ARG A 153 -1.87 1.57 -13.20
N SER A 154 -0.91 2.30 -13.76
CA SER A 154 0.20 1.66 -14.46
C SER A 154 0.97 0.74 -13.53
N ALA A 155 1.29 1.20 -12.32
CA ALA A 155 2.04 0.36 -11.38
C ALA A 155 1.25 -0.87 -11.00
N TYR A 156 -0.06 -0.71 -10.73
CA TYR A 156 -0.90 -1.84 -10.39
C TYR A 156 -0.96 -2.85 -11.52
N GLN A 157 -1.12 -2.37 -12.76
CA GLN A 157 -1.28 -3.27 -13.89
C GLN A 157 0.00 -4.09 -14.12
N GLU A 158 1.15 -3.42 -14.08
CA GLU A 158 2.42 -4.13 -14.20
C GLU A 158 2.53 -5.21 -13.14
N ALA A 159 2.15 -4.89 -11.89
CA ALA A 159 2.23 -5.88 -10.82
C ALA A 159 1.26 -7.02 -11.06
N MET A 160 0.08 -6.73 -11.60
CA MET A 160 -0.91 -7.77 -11.84
C MET A 160 -0.43 -8.76 -12.90
N ASP A 161 0.10 -8.24 -14.01
CA ASP A 161 0.57 -9.11 -15.09
C ASP A 161 1.63 -10.08 -14.59
N ILE A 162 2.54 -9.61 -13.75
CA ILE A 162 3.60 -10.48 -13.24
C ILE A 162 3.02 -11.51 -12.29
N SER A 163 2.12 -11.09 -11.39
CA SER A 163 1.57 -12.04 -10.42
C SER A 163 0.74 -13.12 -11.10
N LYS A 164 0.05 -12.79 -12.20
CA LYS A 164 -0.73 -13.81 -12.90
C LYS A 164 0.18 -14.82 -13.59
N LYS A 165 1.33 -14.39 -14.08
CA LYS A 165 2.27 -15.31 -14.73
C LYS A 165 3.09 -16.11 -13.72
N GLU A 166 3.37 -15.54 -12.54
CA GLU A 166 4.43 -16.06 -11.68
C GLU A 166 3.97 -16.52 -10.31
N MET A 167 2.70 -16.34 -9.95
CA MET A 167 2.23 -16.66 -8.61
C MET A 167 0.94 -17.45 -8.67
N PRO A 168 0.73 -18.36 -7.70
CA PRO A 168 -0.56 -19.06 -7.62
C PRO A 168 -1.65 -18.13 -7.13
N PRO A 169 -2.92 -18.41 -7.47
CA PRO A 169 -4.00 -17.46 -7.13
C PRO A 169 -4.15 -17.18 -5.65
N THR A 170 -3.64 -18.05 -4.77
CA THR A 170 -3.78 -17.86 -3.33
C THR A 170 -2.57 -17.16 -2.70
N ASN A 171 -1.60 -16.76 -3.51
CA ASN A 171 -0.44 -16.05 -2.98
C ASN A 171 -0.90 -14.78 -2.27
N PRO A 172 -0.53 -14.57 -1.00
CA PRO A 172 -1.03 -13.39 -0.29
C PRO A 172 -0.69 -12.06 -0.94
N ILE A 173 0.50 -11.94 -1.54
CA ILE A 173 0.85 -10.71 -2.23
C ILE A 173 -0.06 -10.49 -3.43
N ARG A 174 -0.33 -11.56 -4.19
CA ARG A 174 -1.22 -11.43 -5.33
C ARG A 174 -2.64 -11.09 -4.88
N LEU A 175 -3.09 -11.68 -3.78
CA LEU A 175 -4.43 -11.38 -3.27
C LEU A 175 -4.52 -9.95 -2.75
N GLY A 176 -3.52 -9.54 -1.96
CA GLY A 176 -3.50 -8.17 -1.47
C GLY A 176 -3.40 -7.16 -2.60
N LEU A 177 -2.63 -7.49 -3.64
CA LEU A 177 -2.54 -6.63 -4.81
C LEU A 177 -3.88 -6.50 -5.49
N ALA A 178 -4.54 -7.63 -5.75
CA ALA A 178 -5.85 -7.59 -6.40
C ALA A 178 -6.86 -6.85 -5.54
N LEU A 179 -6.87 -7.10 -4.24
CA LEU A 179 -7.75 -6.36 -3.34
C LEU A 179 -7.54 -4.87 -3.48
N ASN A 180 -6.30 -4.40 -3.35
CA ASN A 180 -6.03 -2.96 -3.41
C ASN A 180 -6.30 -2.40 -4.80
N PHE A 181 -6.05 -3.17 -5.85
CA PHE A 181 -6.36 -2.70 -7.20
C PHE A 181 -7.86 -2.50 -7.37
N SER A 182 -8.66 -3.38 -6.75
CA SER A 182 -10.12 -3.23 -6.83
C SER A 182 -10.60 -2.04 -6.01
N VAL A 183 -9.94 -1.76 -4.89
CA VAL A 183 -10.26 -0.54 -4.13
C VAL A 183 -9.94 0.69 -4.97
N PHE A 184 -8.82 0.66 -5.70
CA PHE A 184 -8.49 1.73 -6.61
C PHE A 184 -9.60 1.93 -7.64
N HIS A 185 -10.05 0.85 -8.27
CA HIS A 185 -11.12 0.95 -9.25
C HIS A 185 -12.37 1.57 -8.63
N TYR A 186 -12.72 1.13 -7.42
CA TYR A 186 -13.98 1.56 -6.82
C TYR A 186 -13.90 2.98 -6.25
N GLU A 187 -12.80 3.31 -5.57
CA GLU A 187 -12.72 4.56 -4.82
C GLU A 187 -12.08 5.69 -5.60
N ILE A 188 -11.17 5.39 -6.53
CA ILE A 188 -10.38 6.41 -7.22
C ILE A 188 -10.81 6.55 -8.68
N ALA A 189 -10.91 5.44 -9.40
CA ALA A 189 -11.10 5.48 -10.85
C ALA A 189 -12.56 5.50 -11.27
N ASN A 190 -13.50 5.57 -10.33
CA ASN A 190 -14.92 5.60 -10.67
C ASN A 190 -15.30 4.43 -11.59
N SER A 191 -14.69 3.27 -11.35
CA SER A 191 -14.96 2.06 -12.10
C SER A 191 -15.49 0.99 -11.15
N PRO A 192 -16.67 1.20 -10.56
CA PRO A 192 -17.18 0.23 -9.58
C PRO A 192 -17.43 -1.15 -10.19
N GLU A 193 -17.83 -1.21 -11.46
CA GLU A 193 -18.05 -2.52 -12.09
C GLU A 193 -16.73 -3.26 -12.29
N GLU A 194 -15.68 -2.55 -12.69
CA GLU A 194 -14.36 -3.18 -12.78
C GLU A 194 -13.90 -3.68 -11.41
N ALA A 195 -14.14 -2.89 -10.37
CA ALA A 195 -13.80 -3.31 -9.01
C ALA A 195 -14.52 -4.61 -8.65
N ILE A 196 -15.83 -4.68 -8.91
CA ILE A 196 -16.61 -5.86 -8.55
C ILE A 196 -16.14 -7.07 -9.34
N SER A 197 -15.90 -6.90 -10.64
CA SER A 197 -15.50 -8.03 -11.47
C SER A 197 -14.14 -8.57 -11.04
N LEU A 198 -13.22 -7.69 -10.65
CA LEU A 198 -11.90 -8.14 -10.23
CA LEU A 198 -11.90 -8.14 -10.23
C LEU A 198 -11.96 -8.87 -8.90
N ALA A 199 -12.79 -8.39 -7.97
CA ALA A 199 -12.92 -9.05 -6.68
C ALA A 199 -13.53 -10.44 -6.83
N LYS A 200 -14.54 -10.58 -7.68
CA LYS A 200 -15.16 -11.88 -7.90
C LYS A 200 -14.18 -12.86 -8.52
N THR A 201 -13.56 -12.47 -9.64
CA THR A 201 -12.62 -13.36 -10.31
C THR A 201 -11.45 -13.72 -9.40
N THR A 202 -10.95 -12.75 -8.63
CA THR A 202 -9.87 -13.05 -7.70
C THR A 202 -10.31 -14.06 -6.65
N PHE A 203 -11.48 -13.82 -6.04
CA PHE A 203 -11.98 -14.72 -5.01
C PHE A 203 -12.18 -16.13 -5.55
N ASP A 204 -12.79 -16.24 -6.73
CA ASP A 204 -13.14 -17.55 -7.26
C ASP A 204 -11.89 -18.36 -7.61
N GLU A 205 -10.90 -17.73 -8.24
CA GLU A 205 -9.71 -18.46 -8.62
C GLU A 205 -8.92 -18.91 -7.39
N ALA A 206 -8.89 -18.08 -6.34
CA ALA A 206 -8.23 -18.51 -5.11
C ALA A 206 -8.98 -19.67 -4.47
N MET A 207 -10.31 -19.62 -4.46
CA MET A 207 -11.10 -20.71 -3.91
C MET A 207 -10.67 -22.04 -4.52
N ALA A 208 -10.52 -22.08 -5.84
CA ALA A 208 -10.18 -23.32 -6.53
C ALA A 208 -8.78 -23.79 -6.20
N ASP A 209 -7.91 -22.91 -5.71
CA ASP A 209 -6.52 -23.23 -5.45
C ASP A 209 -6.26 -23.55 -3.98
N LEU A 210 -7.26 -23.40 -3.11
CA LEU A 210 -7.04 -23.64 -1.68
C LEU A 210 -6.64 -25.08 -1.40
N HIS A 211 -7.15 -26.04 -2.20
CA HIS A 211 -6.86 -27.44 -1.97
C HIS A 211 -5.36 -27.74 -2.00
N THR A 212 -4.56 -26.83 -2.54
CA THR A 212 -3.12 -27.03 -2.63
C THR A 212 -2.37 -26.57 -1.39
N LEU A 213 -3.04 -25.88 -0.47
CA LEU A 213 -2.37 -25.18 0.62
C LEU A 213 -2.30 -26.02 1.88
N SER A 214 -1.33 -25.70 2.72
CA SER A 214 -1.23 -26.26 4.05
C SER A 214 -2.19 -25.53 4.99
N GLU A 215 -2.29 -26.06 6.21
CA GLU A 215 -3.16 -25.45 7.22
C GLU A 215 -2.83 -23.98 7.42
N ASP A 216 -1.54 -23.65 7.55
CA ASP A 216 -1.17 -22.26 7.81
C ASP A 216 -1.36 -21.38 6.56
N SER A 217 -0.97 -21.88 5.40
CA SER A 217 -1.20 -21.12 4.16
C SER A 217 -2.68 -20.94 3.90
N TYR A 218 -3.49 -21.96 4.21
CA TYR A 218 -4.93 -21.85 4.06
C TYR A 218 -5.47 -20.69 4.88
N LYS A 219 -5.00 -20.55 6.12
CA LYS A 219 -5.46 -19.47 6.99
C LYS A 219 -5.04 -18.11 6.42
N ASP A 220 -3.78 -17.98 6.00
CA ASP A 220 -3.29 -16.71 5.47
C ASP A 220 -4.11 -16.27 4.26
N SER A 221 -4.40 -17.20 3.35
CA SER A 221 -5.08 -16.83 2.12
C SER A 221 -6.56 -16.50 2.37
N THR A 222 -7.24 -17.32 3.16
CA THR A 222 -8.66 -17.09 3.40
C THR A 222 -8.89 -15.79 4.18
N LEU A 223 -7.94 -15.41 5.04
CA LEU A 223 -8.07 -14.15 5.76
C LEU A 223 -8.19 -12.98 4.78
N ILE A 224 -7.38 -13.00 3.72
CA ILE A 224 -7.41 -11.90 2.76
C ILE A 224 -8.60 -12.04 1.82
N MET A 225 -8.97 -13.27 1.47
CA MET A 225 -10.14 -13.47 0.63
C MET A 225 -11.40 -12.93 1.31
N GLN A 226 -11.44 -12.96 2.64
CA GLN A 226 -12.60 -12.42 3.36
C GLN A 226 -12.77 -10.93 3.10
N LEU A 227 -11.66 -10.19 3.04
CA LEU A 227 -11.73 -8.77 2.71
C LEU A 227 -12.36 -8.56 1.33
N LEU A 228 -11.96 -9.38 0.36
CA LEU A 228 -12.60 -9.33 -0.96
C LEU A 228 -14.11 -9.53 -0.84
N ARG A 229 -14.52 -10.52 -0.03
CA ARG A 229 -15.94 -10.79 0.14
C ARG A 229 -16.64 -9.64 0.85
N ASP A 230 -16.01 -9.08 1.89
CA ASP A 230 -16.59 -7.95 2.60
C ASP A 230 -16.86 -6.78 1.65
N ASN A 231 -15.88 -6.45 0.81
CA ASN A 231 -16.07 -5.37 -0.16
C ASN A 231 -17.21 -5.68 -1.11
N LEU A 232 -17.24 -6.91 -1.64
CA LEU A 232 -18.34 -7.30 -2.54
C LEU A 232 -19.68 -7.16 -1.85
N THR A 233 -19.73 -7.44 -0.54
CA THR A 233 -20.97 -7.27 0.22
C THR A 233 -21.35 -5.79 0.30
N LEU A 234 -20.36 -4.92 0.50
CA LEU A 234 -20.64 -3.49 0.54
C LEU A 234 -20.91 -2.92 -0.84
N TRP A 235 -20.36 -3.53 -1.89
CA TRP A 235 -20.46 -3.00 -3.25
C TRP A 235 -21.70 -3.48 -4.00
N THR A 236 -22.38 -4.51 -3.52
CA THR A 236 -23.50 -5.11 -4.24
C THR A 236 -24.70 -5.37 -3.33
N ARG B 4 -16.27 3.00 3.82
CA ARG B 4 -15.22 3.04 2.82
C ARG B 4 -14.70 1.63 2.54
N SER B 5 -14.18 1.42 1.34
CA SER B 5 -13.74 0.10 0.92
C SER B 5 -12.54 -0.37 1.75
N LEU B 6 -12.45 -1.68 1.94
CA LEU B 6 -11.43 -2.26 2.81
C LEU B 6 -10.14 -2.57 2.06
N GLU B 8 -5.95 -3.98 1.85
CA GLU B 8 -5.06 -5.02 2.34
C GLU B 8 -4.54 -4.59 3.70
N ARG B 9 -4.64 -5.48 4.69
CA ARG B 9 -4.19 -5.18 6.03
C ARG B 9 -2.75 -5.63 6.24
N LEU B 10 -2.17 -5.18 7.33
CA LEU B 10 -0.77 -5.46 7.64
C LEU B 10 -0.63 -6.73 8.47
#